data_6J4S
#
_entry.id   6J4S
#
_cell.length_a   74.198
_cell.length_b   111.523
_cell.length_c   127.151
_cell.angle_alpha   90.00
_cell.angle_beta   90.00
_cell.angle_gamma   90.00
#
_symmetry.space_group_name_H-M   'C 2 2 21'
#
loop_
_entity.id
_entity.type
_entity.pdbx_description
1 polymer 'Tubulinyl-Tyr carboxypeptidase 2'
2 polymer 'Small vasohibin-binding protein'
3 non-polymer GLYCEROL
4 non-polymer 'PHOSPHATE ION'
5 water water
#
loop_
_entity_poly.entity_id
_entity_poly.type
_entity_poly.pdbx_seq_one_letter_code
_entity_poly.pdbx_strand_id
1 'polypeptide(L)'
;MTGSAADTHRCPHPKGAKGTRSRSSHARPVSLATSGGSEEEDKDGGVLFHVNKSGFPIDSHTWERMWMHVAKVHPKGGEM
VGAIRNAAFLAKPSIPQVPNYRLSMTIPDWLQAIQNYMKTLQYNHTGTQFFEIRKMRPLSGLMETAKEMTRESLPIKCLE
AVILGIYLTNGQPSIERFPISFKTYFSGNYFHHVVLGIYCNGRYGSLGMSRRAELMDKPLTFRTLSDLIFDFEDSYKKYL
HTVKKVKIGLYVPHEPHSFQPIEWKQLVLNVSKMLRADIRKELEKYARDMRMKILKPASAHSPTQVRSRGKSLSPRRRQA
SPPRRLGRREKSPALPEKKVADLSTLNEVGYQIRI
;
A
2 'polypeptide(L)' MDPPARKEKTKVKESVSRVEKAKQKSAQQELKQRQRAEIYALNRVMTELEQQQFDEFCKQMQPPGE B
#
loop_
_chem_comp.id
_chem_comp.type
_chem_comp.name
_chem_comp.formula
GOL non-polymer GLYCEROL 'C3 H8 O3'
PO4 non-polymer 'PHOSPHATE ION' 'O4 P -3'
#
# COMPACT_ATOMS: atom_id res chain seq x y z
N PHE A 49 -12.13 6.76 -3.26
CA PHE A 49 -12.84 7.86 -3.91
C PHE A 49 -12.52 9.19 -3.25
N HIS A 50 -12.38 9.14 -1.92
CA HIS A 50 -12.15 10.31 -1.08
C HIS A 50 -10.81 10.18 -0.37
N VAL A 51 -10.17 11.32 -0.09
CA VAL A 51 -8.87 11.35 0.57
C VAL A 51 -8.86 12.44 1.63
N ASN A 52 -8.23 12.16 2.77
CA ASN A 52 -8.20 13.07 3.91
C ASN A 52 -7.05 14.08 3.75
N LYS A 53 -7.40 15.34 3.52
CA LYS A 53 -6.42 16.39 3.35
C LYS A 53 -6.32 17.31 4.55
N SER A 54 -6.84 16.90 5.71
CA SER A 54 -7.06 17.80 6.83
C SER A 54 -6.28 17.44 8.09
N GLY A 55 -5.39 16.46 8.03
CA GLY A 55 -4.57 16.21 9.20
C GLY A 55 -5.29 15.37 10.23
N PHE A 56 -4.86 15.48 11.48
CA PHE A 56 -5.28 14.53 12.50
C PHE A 56 -5.57 15.17 13.85
N PRO A 57 -6.65 15.86 13.93
CA PRO A 57 -7.91 15.18 14.22
C PRO A 57 -8.77 15.46 13.00
N ILE A 58 -9.15 14.42 12.24
CA ILE A 58 -9.79 14.60 10.94
C ILE A 58 -10.90 15.64 11.05
N ASP A 59 -10.96 16.56 10.08
CA ASP A 59 -11.93 17.65 10.18
C ASP A 59 -13.35 17.10 10.05
N SER A 60 -14.33 17.98 10.20
CA SER A 60 -15.69 17.47 10.27
C SER A 60 -16.25 17.17 8.88
N HIS A 61 -15.97 18.04 7.92
CA HIS A 61 -16.44 17.79 6.56
C HIS A 61 -15.91 16.46 6.03
N THR A 62 -14.64 16.15 6.31
CA THR A 62 -14.09 14.86 5.89
C THR A 62 -14.68 13.72 6.72
N TRP A 63 -14.94 13.97 7.99
CA TRP A 63 -15.51 12.95 8.86
C TRP A 63 -16.91 12.57 8.39
N GLU A 64 -17.75 13.58 8.13
CA GLU A 64 -19.12 13.28 7.75
C GLU A 64 -19.16 12.57 6.40
N ARG A 65 -18.27 12.95 5.47
CA ARG A 65 -18.26 12.34 4.16
C ARG A 65 -17.88 10.86 4.22
N MET A 66 -16.97 10.51 5.14
CA MET A 66 -16.68 9.10 5.38
C MET A 66 -17.93 8.33 5.79
N TRP A 67 -18.62 8.82 6.82
CA TRP A 67 -19.80 8.12 7.31
C TRP A 67 -20.91 8.12 6.28
N MET A 68 -21.17 9.27 5.64
CA MET A 68 -22.21 9.33 4.61
C MET A 68 -21.96 8.28 3.53
N HIS A 69 -20.71 8.17 3.10
CA HIS A 69 -20.36 7.13 2.14
C HIS A 69 -20.76 5.75 2.66
N VAL A 70 -20.28 5.40 3.85
CA VAL A 70 -20.39 4.03 4.32
C VAL A 70 -21.86 3.67 4.59
N ALA A 71 -22.69 4.67 4.90
CA ALA A 71 -24.11 4.42 5.09
C ALA A 71 -24.80 4.03 3.79
N LYS A 72 -24.28 4.51 2.65
CA LYS A 72 -24.82 4.12 1.35
C LYS A 72 -24.46 2.68 1.02
N VAL A 73 -23.16 2.37 1.02
CA VAL A 73 -22.67 1.04 0.62
C VAL A 73 -23.17 -0.05 1.55
N HIS A 74 -23.32 0.25 2.81
CA HIS A 74 -23.72 -0.83 3.68
C HIS A 74 -25.24 -1.06 3.57
N PRO A 75 -25.67 -2.31 3.59
CA PRO A 75 -27.12 -2.58 3.58
C PRO A 75 -27.79 -2.11 4.86
N LYS A 76 -27.19 -2.46 6.01
CA LYS A 76 -27.66 -1.97 7.30
C LYS A 76 -27.50 -0.46 7.44
N GLY A 77 -26.55 0.12 6.69
CA GLY A 77 -26.47 1.55 6.49
C GLY A 77 -26.57 2.44 7.71
N GLY A 78 -27.67 3.20 7.79
CA GLY A 78 -27.80 4.19 8.86
C GLY A 78 -27.81 3.58 10.23
N GLU A 79 -28.24 2.32 10.34
CA GLU A 79 -28.23 1.64 11.65
C GLU A 79 -26.81 1.29 12.07
N MET A 80 -26.03 0.69 11.16
CA MET A 80 -24.66 0.31 11.49
C MET A 80 -23.81 1.52 11.86
N VAL A 81 -24.03 2.65 11.18
CA VAL A 81 -23.33 3.88 11.52
C VAL A 81 -23.78 4.39 12.87
N GLY A 82 -25.09 4.45 13.10
CA GLY A 82 -25.57 4.89 14.39
C GLY A 82 -24.96 4.10 15.54
N ALA A 83 -24.77 2.80 15.33
CA ALA A 83 -24.27 1.96 16.42
C ALA A 83 -22.85 2.30 16.82
N ILE A 84 -22.03 2.76 15.87
CA ILE A 84 -20.64 3.09 16.15
C ILE A 84 -20.50 4.50 16.70
N ARG A 85 -21.10 5.47 16.00
CA ARG A 85 -20.91 6.87 16.36
C ARG A 85 -21.49 7.18 17.72
N ASN A 86 -22.57 6.51 18.08
CA ASN A 86 -23.28 6.80 19.32
C ASN A 86 -22.88 5.89 20.48
N ALA A 87 -22.03 4.89 20.24
CA ALA A 87 -21.61 4.01 21.33
C ALA A 87 -21.01 4.82 22.47
N ALA A 88 -21.51 4.56 23.69
CA ALA A 88 -21.07 5.29 24.87
C ALA A 88 -19.56 5.22 25.05
N PHE A 89 -18.98 4.06 24.72
CA PHE A 89 -17.57 3.78 24.95
C PHE A 89 -17.15 2.75 23.90
N LEU A 90 -15.88 2.80 23.50
CA LEU A 90 -15.31 1.83 22.58
C LEU A 90 -13.91 1.45 23.05
N ALA A 91 -13.57 0.19 22.84
CA ALA A 91 -12.24 -0.29 23.20
C ALA A 91 -11.19 0.46 22.40
N LYS A 92 -10.18 0.96 23.08
CA LYS A 92 -9.01 1.50 22.41
C LYS A 92 -8.30 0.36 21.71
N PRO A 93 -8.17 0.39 20.39
CA PRO A 93 -7.41 -0.67 19.72
C PRO A 93 -5.95 -0.61 20.10
N SER A 94 -5.35 -1.78 20.28
CA SER A 94 -3.92 -1.85 20.54
C SER A 94 -3.16 -1.19 19.39
N ILE A 95 -1.98 -0.67 19.73
CA ILE A 95 -1.09 0.01 18.80
C ILE A 95 0.10 -0.90 18.54
N PRO A 96 0.25 -1.46 17.34
CA PRO A 96 1.42 -2.31 17.06
C PRO A 96 2.72 -1.52 17.14
N GLN A 97 3.73 -2.16 17.73
CA GLN A 97 5.06 -1.57 17.80
C GLN A 97 5.67 -1.48 16.40
N VAL A 98 6.25 -0.33 16.08
CA VAL A 98 6.97 -0.18 14.80
C VAL A 98 8.12 -1.17 14.76
N PRO A 99 8.28 -1.98 13.73
CA PRO A 99 9.29 -3.04 13.77
C PRO A 99 10.70 -2.47 13.73
N ASN A 100 11.60 -3.12 14.48
CA ASN A 100 13.00 -2.71 14.55
C ASN A 100 13.88 -3.84 14.06
N TYR A 101 14.84 -3.52 13.20
CA TYR A 101 15.78 -4.51 12.69
C TYR A 101 16.71 -4.98 13.82
N ARG A 102 16.75 -6.28 14.02
CA ARG A 102 17.57 -6.92 15.04
C ARG A 102 18.68 -7.71 14.36
N LEU A 103 19.80 -7.88 15.06
CA LEU A 103 20.92 -8.65 14.53
C LEU A 103 20.58 -10.12 14.31
N SER A 104 19.48 -10.60 14.88
CA SER A 104 19.07 -11.99 14.72
C SER A 104 18.09 -12.21 13.58
N MET A 105 17.78 -11.18 12.78
CA MET A 105 16.89 -11.37 11.64
C MET A 105 17.69 -11.49 10.35
N THR A 106 17.25 -12.41 9.51
CA THR A 106 17.67 -12.42 8.12
C THR A 106 16.90 -11.34 7.37
N ILE A 107 17.34 -11.04 6.14
CA ILE A 107 16.58 -10.09 5.30
C ILE A 107 15.16 -10.59 5.09
N PRO A 108 14.91 -11.87 4.79
CA PRO A 108 13.52 -12.35 4.79
C PRO A 108 12.78 -12.15 6.11
N ASP A 109 13.44 -12.28 7.26
CA ASP A 109 12.76 -12.05 8.53
C ASP A 109 12.33 -10.58 8.64
N TRP A 110 13.17 -9.68 8.14
CA TRP A 110 12.89 -8.26 8.24
C TRP A 110 11.71 -7.89 7.37
N LEU A 111 11.73 -8.32 6.11
CA LEU A 111 10.63 -8.03 5.21
C LEU A 111 9.34 -8.65 5.70
N GLN A 112 9.42 -9.82 6.34
CA GLN A 112 8.19 -10.34 6.92
C GLN A 112 7.79 -9.52 8.14
N ALA A 113 8.78 -9.00 8.87
CA ALA A 113 8.45 -8.15 10.01
C ALA A 113 7.74 -6.89 9.55
N ILE A 114 8.30 -6.22 8.53
CA ILE A 114 7.67 -5.03 8.00
C ILE A 114 6.28 -5.35 7.45
N GLN A 115 6.17 -6.43 6.68
CA GLN A 115 4.90 -6.76 6.07
C GLN A 115 3.84 -7.06 7.13
N ASN A 116 4.22 -7.72 8.22
CA ASN A 116 3.27 -8.04 9.27
C ASN A 116 2.78 -6.78 9.97
N TYR A 117 3.67 -5.79 10.18
CA TYR A 117 3.25 -4.48 10.66
C TYR A 117 2.16 -3.91 9.78
N MET A 118 2.40 -3.96 8.45
CA MET A 118 1.41 -3.44 7.53
C MET A 118 0.10 -4.21 7.65
N LYS A 119 0.18 -5.55 7.72
CA LYS A 119 -1.05 -6.31 7.87
C LYS A 119 -1.77 -5.97 9.15
N THR A 120 -1.03 -5.54 10.17
CA THR A 120 -1.68 -5.22 11.44
C THR A 120 -2.35 -3.86 11.40
N LEU A 121 -1.70 -2.87 10.76
CA LEU A 121 -2.38 -1.60 10.54
C LEU A 121 -3.70 -1.79 9.83
N GLN A 122 -3.81 -2.86 9.03
CA GLN A 122 -4.99 -3.33 8.31
C GLN A 122 -5.23 -2.57 7.02
N TYR A 123 -5.68 -3.28 5.99
CA TYR A 123 -6.14 -2.63 4.77
C TYR A 123 -7.37 -1.79 5.07
N ASN A 124 -7.49 -0.68 4.37
CA ASN A 124 -8.45 0.35 4.70
C ASN A 124 -9.67 0.14 3.81
N HIS A 125 -10.78 -0.35 4.39
CA HIS A 125 -12.04 -0.53 3.65
C HIS A 125 -13.03 0.60 3.88
N THR A 126 -12.64 1.69 4.56
CA THR A 126 -13.63 2.70 4.93
C THR A 126 -14.05 3.56 3.76
N GLY A 127 -13.26 3.59 2.68
CA GLY A 127 -13.55 4.44 1.54
C GLY A 127 -12.84 5.78 1.57
N THR A 128 -12.23 6.14 2.69
CA THR A 128 -11.51 7.39 2.85
C THR A 128 -10.06 7.04 3.19
N GLN A 129 -9.15 7.32 2.25
CA GLN A 129 -7.74 7.16 2.53
C GLN A 129 -7.30 8.25 3.51
N PHE A 130 -6.58 7.86 4.56
CA PHE A 130 -6.34 8.75 5.69
C PHE A 130 -5.08 9.60 5.56
N PHE A 131 -4.03 9.12 4.92
CA PHE A 131 -2.85 9.94 4.66
C PHE A 131 -2.79 10.33 3.20
N GLU A 132 -2.56 11.61 2.93
CA GLU A 132 -2.41 12.08 1.57
C GLU A 132 -0.98 11.79 1.07
N ILE A 133 -0.88 11.03 -0.01
CA ILE A 133 0.39 10.82 -0.70
C ILE A 133 0.31 11.61 -2.00
N ARG A 134 1.14 12.62 -2.13
CA ARG A 134 1.31 13.29 -3.42
C ARG A 134 2.47 12.58 -4.11
N LYS A 135 2.12 11.68 -5.04
CA LYS A 135 3.05 10.77 -5.70
C LYS A 135 4.35 11.46 -6.14
N MET A 136 4.28 12.71 -6.56
CA MET A 136 5.40 13.38 -7.22
C MET A 136 6.18 14.34 -6.31
N ARG A 137 5.95 14.30 -4.99
CA ARG A 137 6.73 15.10 -4.06
C ARG A 137 8.11 14.49 -3.88
N PRO A 138 9.10 15.27 -3.43
CA PRO A 138 10.39 14.70 -3.10
C PRO A 138 10.26 13.66 -1.99
N LEU A 139 11.18 12.69 -2.01
CA LEU A 139 11.14 11.60 -1.02
C LEU A 139 11.04 12.15 0.40
N SER A 140 11.71 13.27 0.67
CA SER A 140 11.82 13.79 2.03
C SER A 140 10.45 13.98 2.68
N GLY A 141 9.48 14.47 1.90
CA GLY A 141 8.14 14.73 2.41
C GLY A 141 7.34 13.46 2.53
N LEU A 142 7.44 12.60 1.52
CA LEU A 142 6.86 11.27 1.63
C LEU A 142 7.37 10.54 2.87
N MET A 143 8.67 10.67 3.13
CA MET A 143 9.27 10.09 4.32
C MET A 143 8.61 10.62 5.58
N GLU A 144 8.31 11.91 5.61
CA GLU A 144 7.63 12.46 6.77
C GLU A 144 6.19 11.94 6.87
N THR A 145 5.48 11.84 5.75
CA THR A 145 4.16 11.21 5.79
C THR A 145 4.25 9.80 6.32
N ALA A 146 5.31 9.06 5.97
CA ALA A 146 5.49 7.71 6.51
C ALA A 146 5.67 7.72 8.04
N LYS A 147 6.49 8.63 8.56
CA LYS A 147 6.60 8.75 10.01
C LYS A 147 5.22 8.98 10.62
N GLU A 148 4.44 9.88 10.00
CA GLU A 148 3.11 10.19 10.52
C GLU A 148 2.21 8.96 10.55
N MET A 149 2.34 8.09 9.55
CA MET A 149 1.60 6.82 9.54
C MET A 149 1.92 5.99 10.78
N THR A 150 3.21 5.88 11.14
CA THR A 150 3.58 5.09 12.31
C THR A 150 3.18 5.75 13.62
N ARG A 151 2.99 7.07 13.63
CA ARG A 151 2.49 7.70 14.86
C ARG A 151 0.97 7.56 15.00
N GLU A 152 0.20 7.83 13.92
CA GLU A 152 -1.25 7.81 14.03
C GLU A 152 -1.83 6.39 14.00
N SER A 153 -1.15 5.44 13.33
CA SER A 153 -1.47 4.01 13.38
C SER A 153 -2.92 3.70 12.96
N LEU A 154 -3.21 4.03 11.71
CA LEU A 154 -4.50 3.82 11.09
C LEU A 154 -4.40 2.78 9.98
N PRO A 155 -5.53 2.38 9.39
CA PRO A 155 -5.47 1.51 8.21
C PRO A 155 -4.92 2.23 6.99
N ILE A 156 -4.26 1.45 6.11
CA ILE A 156 -3.57 1.95 4.92
C ILE A 156 -4.04 1.17 3.70
N LYS A 157 -3.78 1.75 2.52
CA LYS A 157 -4.13 1.22 1.22
C LYS A 157 -2.83 1.01 0.42
N CYS A 158 -2.96 0.66 -0.88
CA CYS A 158 -1.78 0.19 -1.63
C CYS A 158 -0.65 1.22 -1.67
N LEU A 159 -0.98 2.46 -2.05
CA LEU A 159 0.05 3.48 -2.20
C LEU A 159 0.68 3.86 -0.86
N GLU A 160 -0.13 4.00 0.19
CA GLU A 160 0.45 4.29 1.50
C GLU A 160 1.42 3.20 1.92
N ALA A 161 1.09 1.94 1.65
CA ALA A 161 1.96 0.84 2.04
C ALA A 161 3.33 0.94 1.35
N VAL A 162 3.34 1.29 0.07
CA VAL A 162 4.59 1.43 -0.65
C VAL A 162 5.46 2.51 -0.01
N ILE A 163 4.86 3.65 0.33
CA ILE A 163 5.64 4.72 0.95
C ILE A 163 6.19 4.25 2.28
N LEU A 164 5.36 3.55 3.06
CA LEU A 164 5.79 3.07 4.36
C LEU A 164 6.84 1.97 4.21
N GLY A 165 6.70 1.13 3.17
CA GLY A 165 7.72 0.12 2.93
C GLY A 165 9.08 0.72 2.57
N ILE A 166 9.09 1.81 1.80
CA ILE A 166 10.34 2.49 1.52
C ILE A 166 10.95 2.98 2.83
N TYR A 167 10.12 3.58 3.68
CA TYR A 167 10.59 4.15 4.95
C TYR A 167 11.28 3.11 5.83
N LEU A 168 10.67 1.93 5.96
CA LEU A 168 11.17 0.91 6.86
C LEU A 168 12.32 0.09 6.30
N THR A 169 12.63 0.21 5.00
CA THR A 169 13.80 -0.46 4.42
C THR A 169 14.93 0.51 4.08
N ASN A 170 14.77 1.80 4.41
CA ASN A 170 15.78 2.79 4.05
C ASN A 170 17.13 2.53 4.73
N GLY A 171 17.12 1.86 5.89
CA GLY A 171 18.35 1.59 6.62
C GLY A 171 19.07 0.30 6.27
N GLN A 172 18.65 -0.40 5.21
CA GLN A 172 19.26 -1.66 4.76
C GLN A 172 19.76 -1.46 3.34
N PRO A 173 21.03 -1.08 3.15
CA PRO A 173 21.51 -0.73 1.81
C PRO A 173 21.52 -1.89 0.83
N SER A 174 21.54 -3.14 1.30
CA SER A 174 21.51 -4.32 0.41
C SER A 174 20.12 -4.65 -0.13
N ILE A 175 19.08 -3.94 0.28
CA ILE A 175 17.73 -4.13 -0.24
C ILE A 175 17.45 -3.02 -1.23
N GLU A 176 17.22 -3.36 -2.49
CA GLU A 176 16.83 -2.38 -3.48
C GLU A 176 15.31 -2.37 -3.60
N ARG A 177 14.73 -1.18 -3.78
CA ARG A 177 13.29 -1.00 -3.77
C ARG A 177 12.87 -0.26 -5.03
N PHE A 178 11.88 -0.79 -5.74
CA PHE A 178 11.38 -0.13 -6.94
C PHE A 178 9.87 -0.36 -7.03
N PRO A 179 9.10 0.63 -7.46
CA PRO A 179 7.65 0.48 -7.52
C PRO A 179 7.21 -0.33 -8.73
N ILE A 180 6.15 -1.09 -8.53
CA ILE A 180 5.48 -1.83 -9.58
C ILE A 180 4.02 -1.45 -9.57
N SER A 181 3.50 -0.99 -10.71
CA SER A 181 2.14 -0.52 -10.82
C SER A 181 1.41 -1.29 -11.90
N PHE A 182 0.15 -1.62 -11.61
CA PHE A 182 -0.68 -2.32 -12.57
C PHE A 182 -1.93 -1.51 -12.86
N LYS A 183 -2.37 -1.59 -14.11
CA LYS A 183 -3.68 -1.16 -14.52
C LYS A 183 -4.43 -2.39 -15.02
N THR A 184 -5.65 -2.57 -14.53
CA THR A 184 -6.33 -3.83 -14.70
C THR A 184 -7.77 -3.59 -15.16
N TYR A 185 -8.31 -4.54 -15.93
CA TYR A 185 -9.70 -4.50 -16.33
C TYR A 185 -10.48 -5.58 -15.59
N PHE A 186 -11.64 -5.21 -15.06
CA PHE A 186 -12.57 -6.16 -14.48
C PHE A 186 -13.98 -5.68 -14.76
N SER A 187 -14.78 -6.56 -15.37
CA SER A 187 -16.22 -6.41 -15.52
C SER A 187 -16.66 -4.96 -15.64
N GLY A 188 -16.18 -4.27 -16.66
CA GLY A 188 -16.64 -2.92 -16.88
C GLY A 188 -15.63 -1.81 -16.69
N ASN A 189 -14.93 -1.76 -15.57
CA ASN A 189 -14.07 -0.61 -15.28
C ASN A 189 -12.61 -1.03 -15.12
N TYR A 190 -11.76 0.00 -14.99
CA TYR A 190 -10.32 -0.10 -14.84
C TYR A 190 -9.93 0.11 -13.38
N PHE A 191 -8.84 -0.52 -12.98
CA PHE A 191 -8.38 -0.47 -11.61
C PHE A 191 -6.87 -0.23 -11.59
N HIS A 192 -6.41 0.59 -10.67
CA HIS A 192 -4.98 0.81 -10.52
C HIS A 192 -4.50 0.22 -9.20
N HIS A 193 -3.24 -0.20 -9.18
CA HIS A 193 -2.69 -0.84 -7.99
C HIS A 193 -1.18 -0.75 -8.06
N VAL A 194 -0.54 -0.64 -6.91
CA VAL A 194 0.90 -0.48 -6.85
C VAL A 194 1.45 -1.28 -5.66
N VAL A 195 2.60 -1.90 -5.85
CA VAL A 195 3.34 -2.60 -4.80
C VAL A 195 4.79 -2.14 -4.86
N LEU A 196 5.57 -2.59 -3.89
CA LEU A 196 6.98 -2.23 -3.76
C LEU A 196 7.82 -3.43 -4.16
N GLY A 197 8.36 -3.41 -5.38
CA GLY A 197 9.28 -4.46 -5.78
C GLY A 197 10.55 -4.41 -4.94
N ILE A 198 11.04 -5.60 -4.59
CA ILE A 198 12.23 -5.73 -3.76
C ILE A 198 13.23 -6.56 -4.53
N TYR A 199 14.49 -6.13 -4.55
CA TYR A 199 15.56 -6.94 -5.11
C TYR A 199 16.67 -7.05 -4.08
N CYS A 200 17.11 -8.28 -3.81
CA CYS A 200 18.13 -8.46 -2.79
C CYS A 200 18.82 -9.80 -2.98
N ASN A 201 20.15 -9.74 -3.08
CA ASN A 201 21.00 -10.92 -3.22
C ASN A 201 20.50 -11.87 -4.31
N GLY A 202 20.32 -11.35 -5.51
CA GLY A 202 19.96 -12.12 -6.69
C GLY A 202 18.53 -12.61 -6.76
N ARG A 203 17.64 -12.11 -5.91
CA ARG A 203 16.26 -12.57 -5.90
C ARG A 203 15.33 -11.37 -5.83
N TYR A 204 14.12 -11.55 -6.39
CA TYR A 204 13.11 -10.51 -6.45
C TYR A 204 11.95 -10.89 -5.54
N GLY A 205 11.22 -9.88 -5.08
CA GLY A 205 10.07 -10.09 -4.23
C GLY A 205 9.29 -8.81 -4.14
N SER A 206 8.36 -8.75 -3.17
CA SER A 206 7.60 -7.51 -3.05
C SER A 206 6.99 -7.37 -1.66
N LEU A 207 6.76 -6.12 -1.26
CA LEU A 207 5.91 -5.70 -0.16
C LEU A 207 4.70 -4.98 -0.73
N GLY A 208 3.62 -4.93 0.05
CA GLY A 208 2.48 -4.11 -0.32
C GLY A 208 1.26 -4.41 0.52
N MET A 209 0.16 -3.73 0.17
CA MET A 209 -1.15 -3.96 0.75
C MET A 209 -2.19 -4.01 -0.35
N SER A 210 -3.15 -4.91 -0.22
CA SER A 210 -4.18 -5.14 -1.21
C SER A 210 -5.38 -5.75 -0.52
N ARG A 211 -6.54 -5.65 -1.18
CA ARG A 211 -7.73 -6.35 -0.69
C ARG A 211 -7.52 -7.86 -0.73
N ARG A 212 -6.72 -8.35 -1.64
CA ARG A 212 -6.45 -9.76 -1.78
C ARG A 212 -5.09 -10.18 -1.39
N ALA A 213 -4.99 -11.28 -0.69
CA ALA A 213 -3.70 -11.76 -0.21
C ALA A 213 -2.69 -12.03 -1.33
N GLU A 214 -3.16 -12.33 -2.54
CA GLU A 214 -2.24 -12.72 -3.61
C GLU A 214 -1.72 -11.57 -4.44
N LEU A 215 -2.03 -10.32 -4.07
CA LEU A 215 -1.55 -9.14 -4.80
C LEU A 215 -0.82 -8.17 -3.87
N MET A 216 0.00 -8.69 -2.96
CA MET A 216 0.71 -7.85 -2.01
C MET A 216 2.15 -8.32 -1.95
N ASP A 217 2.54 -8.91 -0.81
CA ASP A 217 3.88 -9.41 -0.61
C ASP A 217 4.13 -10.65 -1.45
N LYS A 218 5.36 -10.78 -1.93
CA LYS A 218 5.81 -12.02 -2.53
C LYS A 218 7.15 -12.35 -1.88
N PRO A 219 7.35 -13.59 -1.47
CA PRO A 219 8.63 -13.95 -0.84
C PRO A 219 9.79 -13.69 -1.79
N LEU A 220 10.95 -13.37 -1.23
CA LEU A 220 12.15 -13.20 -2.04
C LEU A 220 12.63 -14.52 -2.67
N THR A 221 11.87 -15.07 -3.63
CA THR A 221 12.23 -16.33 -4.25
C THR A 221 12.32 -16.27 -5.77
N PHE A 222 11.91 -15.18 -6.41
CA PHE A 222 11.86 -15.15 -7.86
C PHE A 222 13.24 -14.82 -8.43
N ARG A 223 13.72 -15.68 -9.32
CA ARG A 223 15.07 -15.52 -9.83
C ARG A 223 15.17 -14.44 -10.89
N THR A 224 14.04 -14.04 -11.47
CA THR A 224 14.02 -12.96 -12.46
C THR A 224 12.83 -12.05 -12.18
N LEU A 225 12.92 -10.81 -12.69
CA LEU A 225 11.81 -9.89 -12.54
C LEU A 225 10.59 -10.38 -13.32
N SER A 226 10.82 -10.98 -14.48
CA SER A 226 9.73 -11.54 -15.28
C SER A 226 8.92 -12.54 -14.46
N ASP A 227 9.60 -13.40 -13.70
CA ASP A 227 8.89 -14.40 -12.94
C ASP A 227 7.96 -13.73 -11.93
N LEU A 228 8.41 -12.63 -11.30
CA LEU A 228 7.57 -11.99 -10.31
C LEU A 228 6.36 -11.32 -10.96
N ILE A 229 6.58 -10.58 -12.05
CA ILE A 229 5.47 -9.94 -12.74
C ILE A 229 4.46 -10.99 -13.21
N PHE A 230 4.95 -12.08 -13.81
CA PHE A 230 4.05 -13.12 -14.29
C PHE A 230 3.30 -13.76 -13.14
N ASP A 231 3.84 -13.73 -11.92
CA ASP A 231 3.09 -14.27 -10.82
C ASP A 231 1.97 -13.32 -10.39
N PHE A 232 2.23 -12.02 -10.37
CA PHE A 232 1.13 -11.07 -10.21
C PHE A 232 0.06 -11.27 -11.28
N GLU A 233 0.48 -11.39 -12.54
CA GLU A 233 -0.48 -11.63 -13.63
C GLU A 233 -1.38 -12.83 -13.34
N ASP A 234 -0.79 -13.94 -12.90
CA ASP A 234 -1.58 -15.14 -12.68
C ASP A 234 -2.41 -15.03 -11.41
N SER A 235 -1.92 -14.25 -10.43
CA SER A 235 -2.71 -13.92 -9.25
C SER A 235 -3.93 -13.10 -9.63
N TYR A 236 -3.77 -12.14 -10.53
CA TYR A 236 -4.91 -11.37 -11.02
C TYR A 236 -5.90 -12.26 -11.78
N LYS A 237 -5.39 -13.26 -12.51
CA LYS A 237 -6.28 -14.17 -13.24
C LYS A 237 -7.29 -14.82 -12.30
N LYS A 238 -6.87 -15.13 -11.07
CA LYS A 238 -7.78 -15.82 -10.17
C LYS A 238 -8.98 -14.96 -9.78
N TYR A 239 -8.91 -13.64 -9.96
CA TYR A 239 -10.04 -12.77 -9.68
C TYR A 239 -10.63 -12.15 -10.94
N LEU A 240 -10.43 -12.77 -12.10
CA LEU A 240 -11.06 -12.38 -13.37
C LEU A 240 -10.64 -11.00 -13.85
N HIS A 241 -9.50 -10.53 -13.35
CA HIS A 241 -8.91 -9.27 -13.78
C HIS A 241 -7.98 -9.53 -14.96
N THR A 242 -8.06 -8.69 -15.97
CA THR A 242 -7.13 -8.72 -17.09
C THR A 242 -6.11 -7.61 -16.92
N VAL A 243 -4.82 -7.94 -16.96
CA VAL A 243 -3.78 -6.93 -16.77
C VAL A 243 -3.60 -6.17 -18.08
N LYS A 244 -3.94 -4.88 -18.07
CA LYS A 244 -3.76 -4.03 -19.25
C LYS A 244 -2.36 -3.43 -19.35
N LYS A 245 -1.81 -2.94 -18.25
CA LYS A 245 -0.64 -2.07 -18.31
C LYS A 245 0.20 -2.32 -17.06
N VAL A 246 1.52 -2.46 -17.24
CA VAL A 246 2.46 -2.68 -16.15
C VAL A 246 3.50 -1.57 -16.20
N LYS A 247 3.77 -0.95 -15.06
CA LYS A 247 4.67 0.19 -14.98
C LYS A 247 5.69 -0.09 -13.89
N ILE A 248 6.97 0.06 -14.23
CA ILE A 248 8.06 -0.23 -13.31
C ILE A 248 8.96 0.98 -13.16
N GLY A 249 9.29 1.32 -11.92
CA GLY A 249 10.14 2.44 -11.62
C GLY A 249 11.61 2.08 -11.51
N LEU A 250 12.40 3.05 -11.05
CA LEU A 250 13.81 2.89 -10.75
C LEU A 250 13.98 2.55 -9.28
N TYR A 251 15.17 2.06 -8.92
CA TYR A 251 15.50 1.91 -7.52
C TYR A 251 15.28 3.22 -6.80
N VAL A 252 14.73 3.13 -5.59
CA VAL A 252 14.53 4.33 -4.81
C VAL A 252 15.79 4.57 -3.99
N PRO A 253 16.25 5.82 -3.92
CA PRO A 253 17.39 6.16 -3.05
C PRO A 253 17.16 5.74 -1.61
N HIS A 254 18.26 5.48 -0.91
CA HIS A 254 18.19 5.05 0.47
C HIS A 254 18.31 6.19 1.46
N GLU A 255 18.63 7.39 0.99
CA GLU A 255 18.74 8.54 1.87
C GLU A 255 17.36 9.10 2.15
N PRO A 256 16.90 9.10 3.41
CA PRO A 256 15.53 9.55 3.71
C PRO A 256 15.33 11.04 3.49
N HIS A 257 16.38 11.80 3.19
CA HIS A 257 16.32 13.25 3.04
C HIS A 257 16.57 13.69 1.59
N SER A 258 16.22 12.83 0.64
CA SER A 258 16.48 13.11 -0.77
C SER A 258 15.49 14.13 -1.32
N PHE A 259 15.98 15.04 -2.16
CA PHE A 259 15.12 15.99 -2.84
C PHE A 259 14.50 15.42 -4.09
N GLN A 260 14.89 14.24 -4.47
CA GLN A 260 14.35 13.87 -5.76
C GLN A 260 13.11 13.00 -5.56
N PRO A 261 12.18 13.03 -6.49
CA PRO A 261 10.95 12.26 -6.33
C PRO A 261 11.17 10.78 -6.69
N ILE A 262 10.09 10.01 -6.58
CA ILE A 262 10.12 8.63 -7.00
C ILE A 262 9.87 8.56 -8.51
N GLU A 263 10.68 7.78 -9.23
CA GLU A 263 10.41 7.51 -10.63
C GLU A 263 9.48 6.30 -10.72
N TRP A 264 8.23 6.55 -11.08
CA TRP A 264 7.24 5.47 -11.14
C TRP A 264 7.08 4.83 -12.51
N LYS A 265 7.57 5.46 -13.57
CA LYS A 265 7.20 5.14 -14.96
C LYS A 265 8.44 4.97 -15.83
N GLN A 266 9.43 4.24 -15.34
CA GLN A 266 10.62 4.07 -16.16
C GLN A 266 10.32 3.13 -17.33
N LEU A 267 9.65 2.02 -17.06
CA LEU A 267 9.25 1.09 -18.10
C LEU A 267 7.74 0.93 -18.09
N VAL A 268 7.13 1.00 -19.26
CA VAL A 268 5.67 0.92 -19.38
C VAL A 268 5.34 -0.08 -20.47
N LEU A 269 4.57 -1.11 -20.12
CA LEU A 269 4.23 -2.19 -21.05
C LEU A 269 2.72 -2.41 -21.13
N ASN A 270 2.18 -2.37 -22.36
CA ASN A 270 0.78 -2.70 -22.59
C ASN A 270 0.66 -4.21 -22.83
N VAL A 271 0.79 -4.96 -21.74
CA VAL A 271 0.91 -6.41 -21.80
C VAL A 271 -0.33 -7.11 -22.38
N SER A 272 -1.49 -6.44 -22.41
CA SER A 272 -2.67 -7.06 -23.02
C SER A 272 -2.52 -7.17 -24.53
N LYS A 273 -1.71 -6.30 -25.13
CA LYS A 273 -1.42 -6.34 -26.55
C LYS A 273 -0.13 -7.11 -26.86
N MET A 274 0.38 -7.90 -25.90
CA MET A 274 1.67 -8.54 -26.04
C MET A 274 1.60 -10.02 -25.70
N LEU A 275 2.40 -10.81 -26.41
CA LEU A 275 2.57 -12.21 -26.09
C LEU A 275 3.64 -12.40 -25.01
N ARG A 276 3.53 -13.52 -24.29
CA ARG A 276 4.38 -13.81 -23.13
C ARG A 276 5.86 -13.58 -23.42
N ALA A 277 6.33 -14.10 -24.56
CA ALA A 277 7.76 -14.10 -24.87
C ALA A 277 8.31 -12.68 -25.05
N ASP A 278 7.47 -11.75 -25.52
CA ASP A 278 7.91 -10.38 -25.72
C ASP A 278 7.88 -9.59 -24.43
N ILE A 279 6.97 -9.92 -23.52
CA ILE A 279 6.96 -9.29 -22.21
C ILE A 279 8.23 -9.68 -21.44
N ARG A 280 8.54 -10.97 -21.41
CA ARG A 280 9.74 -11.45 -20.71
C ARG A 280 11.00 -10.84 -21.33
N LYS A 281 11.06 -10.83 -22.66
CA LYS A 281 12.17 -10.19 -23.37
C LYS A 281 12.43 -8.79 -22.84
N GLU A 282 11.39 -7.97 -22.72
CA GLU A 282 11.59 -6.57 -22.36
C GLU A 282 11.85 -6.39 -20.87
N LEU A 283 11.21 -7.21 -20.03
CA LEU A 283 11.44 -7.11 -18.59
C LEU A 283 12.87 -7.50 -18.24
N GLU A 284 13.37 -8.59 -18.84
CA GLU A 284 14.74 -9.02 -18.56
C GLU A 284 15.75 -8.00 -19.03
N LYS A 285 15.49 -7.41 -20.19
CA LYS A 285 16.33 -6.33 -20.69
C LYS A 285 16.34 -5.18 -19.69
N TYR A 286 15.15 -4.77 -19.25
CA TYR A 286 15.07 -3.67 -18.29
C TYR A 286 15.65 -4.07 -16.94
N ALA A 287 15.37 -5.28 -16.46
CA ALA A 287 15.90 -5.69 -15.17
C ALA A 287 17.43 -5.73 -15.18
N ARG A 288 18.03 -6.12 -16.33
CA ARG A 288 19.48 -6.08 -16.45
C ARG A 288 19.98 -4.65 -16.33
N ASP A 289 19.22 -3.68 -16.86
CA ASP A 289 19.62 -2.29 -16.80
C ASP A 289 19.54 -1.74 -15.38
N MET A 290 18.51 -2.15 -14.62
CA MET A 290 18.41 -1.75 -13.22
C MET A 290 19.62 -2.19 -12.42
N ARG A 291 20.01 -3.47 -12.56
CA ARG A 291 21.08 -4.02 -11.75
C ARG A 291 22.44 -3.47 -12.17
N MET A 292 22.61 -3.17 -13.46
CA MET A 292 23.83 -2.52 -13.92
C MET A 292 23.88 -1.04 -13.54
N LYS A 293 22.78 -0.50 -13.01
CA LYS A 293 22.74 0.81 -12.35
C LYS A 293 23.20 1.93 -13.27
N ILE A 294 22.65 1.95 -14.48
CA ILE A 294 23.06 2.89 -15.51
C ILE A 294 21.97 3.88 -15.90
N LEU A 295 20.73 3.71 -15.43
CA LEU A 295 19.59 4.39 -16.03
C LEU A 295 19.39 5.80 -15.47
N LYS A 296 18.82 6.69 -16.34
CA LYS A 296 18.44 8.09 -16.13
C LYS A 296 16.91 8.24 -16.15
N PRO A 297 16.32 9.00 -15.22
CA PRO A 297 14.86 8.99 -15.07
C PRO A 297 14.11 9.47 -16.31
N ALA A 298 12.94 8.87 -16.53
CA ALA A 298 12.06 9.21 -17.65
C ALA A 298 11.27 10.51 -17.41
N GLN B 24 -6.17 22.10 26.72
CA GLN B 24 -5.73 22.78 25.50
C GLN B 24 -5.52 21.75 24.39
N LYS B 25 -4.30 21.14 24.34
CA LYS B 25 -4.08 19.96 23.49
C LYS B 25 -4.73 18.70 24.07
N SER B 26 -5.61 18.96 25.05
CA SER B 26 -6.34 17.90 25.75
C SER B 26 -7.42 17.31 24.85
N ALA B 27 -8.29 18.15 24.30
CA ALA B 27 -9.41 17.68 23.50
C ALA B 27 -8.98 17.14 22.14
N GLN B 28 -7.82 17.59 21.62
CA GLN B 28 -7.37 17.09 20.33
C GLN B 28 -6.88 15.65 20.44
N GLN B 29 -6.19 15.32 21.54
CA GLN B 29 -5.69 13.96 21.71
C GLN B 29 -6.79 12.98 22.09
N GLU B 30 -7.79 13.43 22.85
CA GLU B 30 -8.94 12.56 23.10
C GLU B 30 -9.75 12.34 21.82
N LEU B 31 -9.79 13.34 20.94
CA LEU B 31 -10.57 13.21 19.71
C LEU B 31 -9.87 12.32 18.69
N LYS B 32 -8.54 12.40 18.62
CA LYS B 32 -7.79 11.48 17.77
C LYS B 32 -8.00 10.04 18.23
N GLN B 33 -8.14 9.83 19.54
CA GLN B 33 -8.23 8.49 20.07
C GLN B 33 -9.60 7.87 19.82
N ARG B 34 -10.66 8.67 19.95
CA ARG B 34 -11.99 8.17 19.64
C ARG B 34 -12.15 7.94 18.15
N GLN B 35 -11.62 8.84 17.32
CA GLN B 35 -11.69 8.64 15.87
C GLN B 35 -10.94 7.37 15.48
N ARG B 36 -9.80 7.09 16.11
CA ARG B 36 -9.13 5.83 15.85
C ARG B 36 -10.04 4.66 16.18
N ALA B 37 -10.66 4.65 17.38
CA ALA B 37 -11.53 3.55 17.77
C ALA B 37 -12.71 3.43 16.82
N GLU B 38 -13.26 4.55 16.37
CA GLU B 38 -14.37 4.51 15.43
C GLU B 38 -13.93 3.96 14.08
N ILE B 39 -12.80 4.46 13.55
CA ILE B 39 -12.25 3.96 12.29
C ILE B 39 -12.05 2.45 12.36
N TYR B 40 -11.57 1.95 13.50
CA TYR B 40 -11.24 0.54 13.54
C TYR B 40 -12.48 -0.31 13.76
N ALA B 41 -13.45 0.20 14.50
CA ALA B 41 -14.75 -0.45 14.49
C ALA B 41 -15.27 -0.54 13.06
N LEU B 42 -15.32 0.60 12.36
CA LEU B 42 -15.85 0.62 11.00
C LEU B 42 -15.06 -0.30 10.07
N ASN B 43 -13.74 -0.37 10.24
CA ASN B 43 -12.96 -1.18 9.33
C ASN B 43 -13.30 -2.67 9.46
N ARG B 44 -13.62 -3.14 10.67
CA ARG B 44 -14.01 -4.54 10.84
C ARG B 44 -15.30 -4.84 10.10
N VAL B 45 -16.33 -4.01 10.27
CA VAL B 45 -17.61 -4.28 9.62
C VAL B 45 -17.47 -4.17 8.10
N MET B 46 -16.63 -3.25 7.62
CA MET B 46 -16.44 -3.15 6.18
C MET B 46 -15.68 -4.33 5.65
N THR B 47 -14.75 -4.88 6.43
CA THR B 47 -14.00 -6.04 5.96
C THR B 47 -14.90 -7.26 5.89
N GLU B 48 -15.75 -7.46 6.90
CA GLU B 48 -16.67 -8.59 6.89
C GLU B 48 -17.72 -8.43 5.80
N LEU B 49 -18.08 -7.19 5.48
CA LEU B 49 -19.02 -6.94 4.40
C LEU B 49 -18.43 -7.32 3.05
N GLU B 50 -17.20 -6.87 2.78
CA GLU B 50 -16.59 -7.10 1.48
C GLU B 50 -16.32 -8.57 1.20
N GLN B 51 -16.42 -9.44 2.21
CA GLN B 51 -16.29 -10.87 1.95
C GLN B 51 -17.63 -11.53 1.65
N GLN B 52 -18.72 -11.08 2.30
CA GLN B 52 -20.05 -11.56 1.92
C GLN B 52 -20.36 -11.23 0.46
N GLN B 53 -20.03 -10.02 0.03
CA GLN B 53 -20.23 -9.63 -1.38
C GLN B 53 -19.36 -10.46 -2.31
N PHE B 54 -18.08 -10.59 -1.96
CA PHE B 54 -17.15 -11.41 -2.73
C PHE B 54 -17.55 -12.88 -2.72
N ASP B 55 -18.38 -13.30 -1.76
CA ASP B 55 -18.88 -14.67 -1.69
C ASP B 55 -20.40 -14.73 -1.79
C1 GOL C . 23.20 4.18 -2.23
O1 GOL C . 23.03 4.58 -0.89
C2 GOL C . 21.82 4.31 -2.90
O2 GOL C . 20.87 4.84 -2.05
C3 GOL C . 21.42 2.89 -3.31
O3 GOL C . 20.09 2.95 -3.78
C1 GOL D . -6.84 -7.22 2.90
O1 GOL D . -7.93 -7.11 3.83
C2 GOL D . -5.89 -8.42 3.33
O2 GOL D . -5.77 -9.45 2.35
C3 GOL D . -4.51 -7.76 3.75
O3 GOL D . -3.76 -8.75 4.49
C1 GOL E . -6.60 -4.46 -6.36
O1 GOL E . -6.76 -3.91 -7.65
C2 GOL E . -7.96 -5.19 -5.99
O2 GOL E . -9.01 -4.29 -5.61
C3 GOL E . -8.30 -6.08 -7.23
O3 GOL E . -9.27 -7.02 -6.83
P PO4 F . -3.05 5.29 -17.22
O1 PO4 F . -2.31 4.51 -16.14
O2 PO4 F . -2.05 6.17 -17.95
O3 PO4 F . -4.13 6.11 -16.55
O4 PO4 F . -3.68 4.31 -18.18
#